data_4Y0C
#
_entry.id   4Y0C
#
_cell.length_a   104.150
_cell.length_b   57.770
_cell.length_c   61.650
_cell.angle_alpha   90.00
_cell.angle_beta   98.17
_cell.angle_gamma   90.00
#
_symmetry.space_group_name_H-M   'C 1 2 1'
#
loop_
_entity.id
_entity.type
_entity.pdbx_description
1 polymer 'Clp protease-related protein At4g12060, chloroplastic'
2 non-polymer 'SULFATE ION'
3 non-polymer 'CHLORIDE ION'
4 water water
#
_entity_poly.entity_id   1
_entity_poly.type   'polypeptide(L)'
_entity_poly.pdbx_seq_one_letter_code
;(MSE)ASLPTANPDLVVSDAKKPKWSWRAIKSFA(MSE)GELEARKLKYPNTGTEALL(MSE)GILIEGTSFTSKFLRAN
KI(MSE)LYKVREETVKLLGKAD(MSE)YFFSPEHPPLTEDAQRALDSALDQNLKAGGIGEV(MSE)PAHILLGIWSEVE
SPGHKILATLGFTDEKSKELESFASESGFLDELEHHHHHH
;
_entity_poly.pdbx_strand_id   B,A
#
loop_
_chem_comp.id
_chem_comp.type
_chem_comp.name
_chem_comp.formula
CL non-polymer 'CHLORIDE ION' 'Cl -1'
SO4 non-polymer 'SULFATE ION' 'O4 S -2'
#
# COMPACT_ATOMS: atom_id res chain seq x y z
N LYS A 20 -5.32 1.10 -20.17
CA LYS A 20 -3.97 0.94 -19.62
C LYS A 20 -3.83 1.60 -18.25
N TRP A 21 -4.11 0.84 -17.19
CA TRP A 21 -4.06 1.37 -15.82
C TRP A 21 -2.64 1.67 -15.40
N SER A 22 -2.39 2.82 -14.78
CA SER A 22 -1.06 3.08 -14.28
C SER A 22 -0.78 2.22 -13.06
N TRP A 23 0.49 2.04 -12.76
CA TRP A 23 0.89 1.31 -11.56
C TRP A 23 0.31 1.97 -10.32
N ARG A 24 0.37 3.30 -10.26
CA ARG A 24 -0.23 4.03 -9.14
C ARG A 24 -1.72 3.74 -8.95
N ALA A 25 -2.45 3.68 -10.06
CA ALA A 25 -3.88 3.40 -10.00
C ALA A 25 -4.10 1.97 -9.54
N ILE A 26 -3.26 1.06 -10.01
CA ILE A 26 -3.35 -0.34 -9.61
C ILE A 26 -3.16 -0.47 -8.10
N LYS A 27 -2.12 0.19 -7.57
CA LYS A 27 -1.86 0.20 -6.13
C LYS A 27 -3.00 0.82 -5.31
N SER A 28 -3.55 1.93 -5.80
CA SER A 28 -4.61 2.66 -5.10
C SER A 28 -5.87 1.80 -4.99
N PHE A 29 -6.13 1.01 -6.03
CA PHE A 29 -7.22 0.07 -6.02
C PHE A 29 -7.00 -1.00 -4.95
N ALA A 30 -5.78 -1.55 -4.91
CA ALA A 30 -5.42 -2.54 -3.88
C ALA A 30 -5.58 -1.98 -2.47
N MSE A 31 -5.17 -0.72 -2.28
CA MSE A 31 -5.31 -0.08 -0.98
C MSE A 31 -6.78 0.13 -0.65
O MSE A 31 -7.18 0.04 0.51
CB MSE A 31 -4.55 1.26 -0.96
CG MSE A 31 -3.02 1.14 -1.06
SE MSE A 31 -2.28 -0.04 0.33
CE MSE A 31 -2.00 -1.62 -0.76
N GLY A 32 -7.58 0.41 -1.67
CA GLY A 32 -9.03 0.56 -1.52
C GLY A 32 -9.71 -0.72 -1.06
N GLU A 33 -9.39 -1.84 -1.71
CA GLU A 33 -9.95 -3.12 -1.33
C GLU A 33 -9.53 -3.45 0.09
N LEU A 34 -8.27 -3.14 0.43
CA LEU A 34 -7.76 -3.36 1.77
C LEU A 34 -8.58 -2.57 2.81
N GLU A 35 -8.88 -1.32 2.50
CA GLU A 35 -9.70 -0.49 3.38
C GLU A 35 -11.15 -0.98 3.51
N ALA A 36 -11.75 -1.38 2.40
CA ALA A 36 -13.08 -2.01 2.45
C ALA A 36 -13.11 -3.24 3.37
N ARG A 37 -12.03 -4.02 3.37
CA ARG A 37 -11.97 -5.21 4.22
C ARG A 37 -11.85 -4.81 5.69
N LYS A 38 -10.99 -3.84 5.95
CA LYS A 38 -10.81 -3.29 7.28
C LYS A 38 -12.13 -2.74 7.86
N LEU A 39 -12.93 -2.12 7.00
CA LEU A 39 -14.22 -1.57 7.42
C LEU A 39 -15.29 -2.66 7.54
N LYS A 40 -14.94 -3.87 7.13
CA LYS A 40 -15.85 -5.01 7.17
C LYS A 40 -17.11 -4.73 6.35
N TYR A 41 -16.94 -3.99 5.28
CA TYR A 41 -18.02 -3.74 4.33
C TYR A 41 -18.16 -4.91 3.33
N PRO A 42 -19.38 -5.11 2.81
CA PRO A 42 -19.57 -6.21 1.86
C PRO A 42 -18.98 -5.90 0.48
N ASN A 43 -18.82 -4.61 0.16
CA ASN A 43 -18.34 -4.20 -1.16
C ASN A 43 -17.17 -3.24 -1.10
N THR A 44 -16.47 -3.12 -2.22
CA THR A 44 -15.48 -2.07 -2.40
C THR A 44 -16.19 -0.94 -3.12
N GLY A 45 -16.51 0.12 -2.39
CA GLY A 45 -17.32 1.20 -2.94
C GLY A 45 -16.48 2.38 -3.36
N THR A 46 -17.13 3.44 -3.84
CA THR A 46 -16.44 4.67 -4.22
C THR A 46 -15.71 5.30 -3.05
N GLU A 47 -16.25 5.14 -1.84
CA GLU A 47 -15.55 5.65 -0.66
C GLU A 47 -14.20 4.94 -0.47
N ALA A 48 -14.14 3.64 -0.81
CA ALA A 48 -12.89 2.90 -0.63
C ALA A 48 -11.86 3.24 -1.71
N LEU A 49 -12.33 3.43 -2.95
CA LEU A 49 -11.48 3.88 -4.05
C LEU A 49 -10.86 5.23 -3.72
N LEU A 50 -11.66 6.11 -3.11
CA LEU A 50 -11.16 7.41 -2.66
C LEU A 50 -10.08 7.26 -1.58
N MSE A 51 -10.34 6.41 -0.60
CA MSE A 51 -9.35 6.21 0.45
C MSE A 51 -8.08 5.52 -0.08
O MSE A 51 -6.99 5.86 0.33
CB MSE A 51 -9.94 5.46 1.64
CG MSE A 51 -10.99 6.28 2.37
SE MSE A 51 -11.63 5.46 4.01
CE MSE A 51 -13.06 4.37 3.26
N GLY A 52 -8.25 4.60 -1.02
CA GLY A 52 -7.11 3.93 -1.62
C GLY A 52 -6.12 4.87 -2.29
N ILE A 53 -6.64 5.95 -2.87
CA ILE A 53 -5.80 6.99 -3.47
C ILE A 53 -4.99 7.67 -2.37
N LEU A 54 -5.66 8.04 -1.29
CA LEU A 54 -4.98 8.67 -0.16
C LEU A 54 -3.98 7.75 0.51
N ILE A 55 -4.36 6.49 0.66
CA ILE A 55 -3.50 5.50 1.32
C ILE A 55 -2.24 5.25 0.49
N GLU A 56 -2.40 5.11 -0.81
CA GLU A 56 -1.25 4.86 -1.67
C GLU A 56 -0.25 6.01 -1.49
N GLY A 57 -0.80 7.23 -1.45
CA GLY A 57 -0.11 8.38 -0.94
C GLY A 57 1.04 9.01 -1.70
N THR A 58 1.38 8.50 -2.89
CA THR A 58 2.51 9.09 -3.63
C THR A 58 2.15 9.79 -4.94
N SER A 59 0.87 9.76 -5.33
CA SER A 59 0.43 10.34 -6.58
C SER A 59 0.26 11.85 -6.41
N PHE A 60 0.33 12.59 -7.51
CA PHE A 60 -0.04 14.01 -7.44
C PHE A 60 -1.46 14.14 -6.89
N THR A 61 -2.37 13.27 -7.32
CA THR A 61 -3.76 13.35 -6.85
C THR A 61 -3.91 13.25 -5.34
N SER A 62 -3.14 12.36 -4.71
CA SER A 62 -3.15 12.29 -3.25
C SER A 62 -2.67 13.62 -2.64
N LYS A 63 -1.64 14.23 -3.20
CA LYS A 63 -1.19 15.55 -2.72
C LYS A 63 -2.24 16.61 -2.95
N PHE A 64 -2.89 16.56 -4.11
CA PHE A 64 -3.97 17.49 -4.43
C PHE A 64 -5.12 17.42 -3.41
N LEU A 65 -5.53 16.19 -3.10
CA LEU A 65 -6.60 16.02 -2.11
C LEU A 65 -6.15 16.59 -0.76
N ARG A 66 -4.94 16.26 -0.32
CA ARG A 66 -4.46 16.80 0.96
C ARG A 66 -4.31 18.32 0.99
N ALA A 67 -3.83 18.89 -0.12
CA ALA A 67 -3.66 20.34 -0.22
C ALA A 67 -5.04 21.04 -0.22
N ASN A 68 -6.08 20.28 -0.55
CA ASN A 68 -7.43 20.81 -0.49
C ASN A 68 -8.20 20.32 0.73
N LYS A 69 -7.44 19.89 1.73
CA LYS A 69 -7.96 19.55 3.06
C LYS A 69 -8.88 18.35 3.04
N ILE A 70 -8.64 17.45 2.10
CA ILE A 70 -9.35 16.20 2.10
C ILE A 70 -8.41 15.13 2.64
N MSE A 71 -8.43 15.02 3.97
CA MSE A 71 -7.46 14.21 4.70
C MSE A 71 -8.02 12.80 4.84
O MSE A 71 -9.24 12.62 4.92
CB MSE A 71 -7.22 14.82 6.07
CG MSE A 71 -7.03 16.34 6.05
SE MSE A 71 -5.59 16.85 4.79
CE MSE A 71 -4.13 15.94 5.68
N LEU A 72 -7.14 11.80 4.85
CA LEU A 72 -7.59 10.42 4.98
C LEU A 72 -8.42 10.19 6.25
N TYR A 73 -7.99 10.70 7.39
CA TYR A 73 -8.72 10.45 8.64
C TYR A 73 -10.13 11.04 8.63
N LYS A 74 -10.31 12.12 7.88
CA LYS A 74 -11.62 12.77 7.73
C LYS A 74 -12.53 11.95 6.81
N VAL A 75 -11.97 11.43 5.73
CA VAL A 75 -12.76 10.64 4.79
C VAL A 75 -13.23 9.39 5.50
N ARG A 76 -12.37 8.81 6.33
CA ARG A 76 -12.74 7.65 7.12
C ARG A 76 -13.88 7.99 8.09
N GLU A 77 -13.77 9.11 8.79
CA GLU A 77 -14.84 9.51 9.71
C GLU A 77 -16.16 9.78 9.00
N GLU A 78 -16.10 10.36 7.80
CA GLU A 78 -17.33 10.66 7.06
C GLU A 78 -17.92 9.38 6.45
N THR A 79 -17.07 8.42 6.13
CA THR A 79 -17.52 7.11 5.63
C THR A 79 -18.32 6.35 6.68
N VAL A 80 -17.77 6.26 7.88
CA VAL A 80 -18.46 5.60 8.98
C VAL A 80 -19.78 6.29 9.27
N LYS A 81 -19.77 7.62 9.23
CA LYS A 81 -20.94 8.41 9.52
C LYS A 81 -22.03 8.17 8.49
N LEU A 82 -21.62 8.10 7.22
CA LEU A 82 -22.57 7.97 6.12
C LEU A 82 -23.05 6.53 5.96
N LEU A 83 -22.12 5.59 5.98
CA LEU A 83 -22.45 4.20 5.64
C LEU A 83 -22.54 3.27 6.85
N GLY A 84 -22.13 3.75 8.02
CA GLY A 84 -22.28 2.95 9.23
C GLY A 84 -21.08 2.11 9.61
N LYS A 85 -21.05 1.71 10.87
CA LYS A 85 -20.02 0.85 11.43
C LYS A 85 -20.44 -0.62 11.34
N PRO A 93 -16.52 -10.44 3.96
CA PRO A 93 -16.12 -11.03 2.68
C PRO A 93 -14.61 -11.01 2.50
N GLU A 94 -14.06 -12.07 1.93
CA GLU A 94 -12.63 -12.12 1.68
C GLU A 94 -12.20 -10.99 0.76
N HIS A 95 -12.75 -10.97 -0.46
CA HIS A 95 -12.43 -9.90 -1.40
C HIS A 95 -13.66 -9.12 -1.87
N PRO A 96 -13.97 -8.04 -1.15
CA PRO A 96 -15.23 -7.30 -1.35
C PRO A 96 -15.34 -6.75 -2.77
N PRO A 97 -16.32 -7.24 -3.53
CA PRO A 97 -16.47 -6.85 -4.93
C PRO A 97 -16.85 -5.38 -5.06
N LEU A 98 -16.59 -4.79 -6.23
CA LEU A 98 -16.93 -3.40 -6.49
C LEU A 98 -18.44 -3.17 -6.50
N THR A 99 -18.89 -2.04 -5.95
CA THR A 99 -20.28 -1.65 -6.12
C THR A 99 -20.48 -1.25 -7.57
N GLU A 100 -21.74 -1.10 -7.97
CA GLU A 100 -22.04 -0.70 -9.34
C GLU A 100 -21.52 0.69 -9.62
N ASP A 101 -21.64 1.60 -8.66
CA ASP A 101 -21.21 2.95 -8.92
C ASP A 101 -19.68 3.09 -8.86
N ALA A 102 -19.01 2.18 -8.16
CA ALA A 102 -17.55 2.15 -8.22
C ALA A 102 -17.09 1.68 -9.60
N GLN A 103 -17.78 0.69 -10.15
CA GLN A 103 -17.50 0.26 -11.51
C GLN A 103 -17.76 1.42 -12.48
N ARG A 104 -18.82 2.18 -12.22
CA ARG A 104 -19.12 3.34 -13.07
C ARG A 104 -18.03 4.41 -12.99
N ALA A 105 -17.52 4.63 -11.78
CA ALA A 105 -16.44 5.61 -11.59
C ALA A 105 -15.17 5.19 -12.33
N LEU A 106 -14.86 3.89 -12.33
CA LEU A 106 -13.70 3.38 -13.06
C LEU A 106 -13.89 3.47 -14.57
N ASP A 107 -15.10 3.20 -15.06
CA ASP A 107 -15.41 3.38 -16.48
C ASP A 107 -15.25 4.84 -16.93
N SER A 108 -15.67 5.80 -16.10
CA SER A 108 -15.50 7.22 -16.43
C SER A 108 -14.03 7.60 -16.41
N ALA A 109 -13.27 7.00 -15.50
CA ALA A 109 -11.84 7.26 -15.45
C ALA A 109 -11.22 6.95 -16.80
N LEU A 110 -11.64 5.82 -17.37
CA LEU A 110 -11.15 5.41 -18.67
C LEU A 110 -11.50 6.46 -19.73
N ASP A 111 -12.71 7.01 -19.64
CA ASP A 111 -13.15 8.07 -20.55
C ASP A 111 -12.39 9.38 -20.36
N GLN A 112 -12.33 9.86 -19.12
CA GLN A 112 -11.53 11.04 -18.76
C GLN A 112 -10.15 10.97 -19.40
N ASN A 113 -9.53 9.80 -19.31
CA ASN A 113 -8.23 9.57 -19.93
C ASN A 113 -8.34 9.46 -21.45
N LEU A 114 -9.30 8.66 -21.92
CA LEU A 114 -9.51 8.43 -23.34
C LEU A 114 -9.90 9.71 -24.08
N LYS A 115 -11.00 10.33 -23.63
CA LYS A 115 -11.47 11.57 -24.23
C LYS A 115 -10.63 12.76 -23.81
N ALA A 116 -9.31 12.58 -23.92
CA ALA A 116 -8.33 13.62 -23.66
C ALA A 116 -7.09 13.28 -24.48
N GLY A 117 -5.91 13.62 -23.97
CA GLY A 117 -4.66 13.30 -24.64
C GLY A 117 -4.51 11.79 -24.85
N GLY A 118 -3.58 11.39 -25.71
CA GLY A 118 -3.50 10.00 -26.10
C GLY A 118 -2.20 9.25 -25.84
N ILE A 119 -1.51 9.53 -24.75
CA ILE A 119 -0.33 8.74 -24.39
C ILE A 119 -0.42 8.18 -22.97
N GLY A 120 -0.78 9.03 -22.02
CA GLY A 120 -0.80 8.67 -20.62
C GLY A 120 -1.56 7.41 -20.26
N GLU A 121 -1.24 6.86 -19.09
CA GLU A 121 -1.96 5.73 -18.55
C GLU A 121 -3.10 6.29 -17.74
N VAL A 122 -4.02 5.43 -17.31
CA VAL A 122 -5.09 5.87 -16.46
C VAL A 122 -4.56 6.05 -15.03
N MSE A 123 -4.75 7.24 -14.49
CA MSE A 123 -4.14 7.64 -13.22
CA MSE A 123 -4.16 7.61 -13.21
C MSE A 123 -5.17 7.75 -12.10
O MSE A 123 -6.37 7.77 -12.36
CB MSE A 123 -3.44 8.99 -13.39
CB MSE A 123 -3.42 8.92 -13.35
CG MSE A 123 -2.68 9.16 -14.69
CG MSE A 123 -2.02 8.80 -12.86
SE MSE A 123 -1.38 7.77 -15.03
SE MSE A 123 -0.91 8.39 -14.31
CE MSE A 123 -0.17 8.06 -13.54
CE MSE A 123 -1.58 9.83 -15.46
N PRO A 124 -4.69 7.83 -10.84
CA PRO A 124 -5.55 8.19 -9.71
C PRO A 124 -6.36 9.44 -10.00
N ALA A 125 -5.83 10.40 -10.74
CA ALA A 125 -6.59 11.62 -11.04
C ALA A 125 -7.91 11.28 -11.74
N HIS A 126 -7.84 10.39 -12.70
CA HIS A 126 -8.99 10.01 -13.50
C HIS A 126 -9.98 9.21 -12.66
N ILE A 127 -9.47 8.39 -11.75
CA ILE A 127 -10.33 7.69 -10.80
C ILE A 127 -11.07 8.69 -9.88
N LEU A 128 -10.34 9.67 -9.33
CA LEU A 128 -10.97 10.72 -8.51
C LEU A 128 -12.06 11.44 -9.29
N LEU A 129 -11.76 11.84 -10.52
CA LEU A 129 -12.74 12.54 -11.37
C LEU A 129 -13.94 11.65 -11.63
N GLY A 130 -13.66 10.36 -11.89
CA GLY A 130 -14.73 9.39 -12.07
C GLY A 130 -15.64 9.29 -10.83
N ILE A 131 -15.03 9.25 -9.65
CA ILE A 131 -15.80 9.23 -8.41
C ILE A 131 -16.67 10.49 -8.26
N TRP A 132 -16.06 11.66 -8.47
CA TRP A 132 -16.80 12.91 -8.35
C TRP A 132 -18.02 12.94 -9.28
N SER A 133 -17.83 12.40 -10.48
CA SER A 133 -18.88 12.43 -11.50
C SER A 133 -20.03 11.45 -11.23
N GLU A 134 -19.83 10.47 -10.35
CA GLU A 134 -20.93 9.62 -9.87
C GLU A 134 -21.61 10.35 -8.72
N VAL A 135 -22.56 11.19 -9.09
CA VAL A 135 -23.10 12.20 -8.20
C VAL A 135 -23.79 11.58 -6.99
N GLU A 136 -24.44 10.44 -7.21
CA GLU A 136 -25.20 9.79 -6.17
C GLU A 136 -24.33 8.93 -5.22
N SER A 137 -23.05 8.77 -5.54
CA SER A 137 -22.18 7.86 -4.77
C SER A 137 -21.70 8.45 -3.45
N PRO A 138 -21.46 7.59 -2.45
CA PRO A 138 -20.84 7.97 -1.17
C PRO A 138 -19.50 8.69 -1.36
N GLY A 139 -18.67 8.24 -2.29
CA GLY A 139 -17.43 8.97 -2.60
C GLY A 139 -17.68 10.44 -2.92
N HIS A 140 -18.59 10.70 -3.86
CA HIS A 140 -18.97 12.09 -4.18
C HIS A 140 -19.52 12.82 -2.95
N LYS A 141 -20.44 12.18 -2.23
CA LYS A 141 -21.12 12.86 -1.11
C LYS A 141 -20.11 13.23 -0.02
N ILE A 142 -19.20 12.32 0.28
CA ILE A 142 -18.16 12.56 1.26
C ILE A 142 -17.21 13.67 0.79
N LEU A 143 -16.81 13.62 -0.48
CA LEU A 143 -16.01 14.71 -1.05
C LEU A 143 -16.68 16.07 -0.86
N ALA A 144 -17.99 16.11 -1.10
CA ALA A 144 -18.75 17.35 -0.99
C ALA A 144 -18.83 17.79 0.47
N THR A 145 -19.05 16.84 1.36
CA THR A 145 -19.09 17.13 2.79
C THR A 145 -17.79 17.79 3.21
N LEU A 146 -16.69 17.34 2.61
CA LEU A 146 -15.36 17.86 2.95
C LEU A 146 -14.91 19.05 2.07
N GLY A 147 -15.83 19.66 1.32
CA GLY A 147 -15.50 20.90 0.63
C GLY A 147 -15.10 20.80 -0.85
N PHE A 148 -15.10 19.60 -1.40
CA PHE A 148 -14.81 19.40 -2.83
C PHE A 148 -15.95 19.98 -3.66
N THR A 149 -15.64 20.53 -4.83
CA THR A 149 -16.63 21.14 -5.71
C THR A 149 -16.34 20.86 -7.18
N ASP A 150 -17.26 21.25 -8.06
CA ASP A 150 -17.03 21.16 -9.50
C ASP A 150 -15.81 21.98 -9.93
N GLU A 151 -15.56 23.09 -9.25
CA GLU A 151 -14.41 23.90 -9.61
C GLU A 151 -13.10 23.16 -9.28
N LYS A 152 -13.06 22.46 -8.16
CA LYS A 152 -11.91 21.63 -7.80
C LYS A 152 -11.72 20.52 -8.81
N SER A 153 -12.84 19.95 -9.24
CA SER A 153 -12.80 18.90 -10.25
C SER A 153 -12.12 19.41 -11.54
N LYS A 154 -12.51 20.59 -11.97
CA LYS A 154 -11.97 21.19 -13.19
C LYS A 154 -10.50 21.56 -13.02
N GLU A 155 -10.16 22.03 -11.83
CA GLU A 155 -8.77 22.31 -11.50
C GLU A 155 -7.94 21.02 -11.64
N LEU A 156 -8.42 19.94 -11.07
CA LEU A 156 -7.73 18.67 -11.18
C LEU A 156 -7.62 18.20 -12.63
N GLU A 157 -8.71 18.36 -13.40
CA GLU A 157 -8.69 18.05 -14.83
C GLU A 157 -7.65 18.82 -15.60
N SER A 158 -7.47 20.08 -15.24
CA SER A 158 -6.48 20.92 -15.91
C SER A 158 -5.07 20.38 -15.66
N PHE A 159 -4.74 20.06 -14.41
CA PHE A 159 -3.45 19.45 -14.12
C PHE A 159 -3.28 18.17 -14.93
N ALA A 160 -4.34 17.36 -14.99
CA ALA A 160 -4.25 16.04 -15.60
C ALA A 160 -4.09 16.11 -17.11
N SER A 161 -4.59 17.19 -17.72
CA SER A 161 -4.56 17.34 -19.17
C SER A 161 -3.25 17.96 -19.65
N GLU A 162 -2.38 18.31 -18.71
CA GLU A 162 -1.09 18.86 -19.04
C GLU A 162 -0.30 17.82 -19.85
N SER A 163 0.54 18.31 -20.75
N SER A 163 0.57 18.28 -20.73
CA SER A 163 1.12 17.51 -21.83
CA SER A 163 1.39 17.38 -21.53
C SER A 163 1.74 16.18 -21.41
C SER A 163 2.38 16.60 -20.66
N GLY A 164 2.75 16.24 -20.54
N GLY A 164 2.03 15.35 -20.36
CA GLY A 164 3.45 15.04 -20.13
CA GLY A 164 2.94 14.43 -19.71
C GLY A 164 3.07 14.58 -18.74
C GLY A 164 3.36 14.78 -18.29
N PHE A 165 1.78 14.71 -18.42
N PHE A 165 2.58 15.64 -17.64
CA PHE A 165 1.31 14.40 -17.07
CA PHE A 165 2.86 16.05 -16.25
C PHE A 165 1.55 12.95 -16.65
C PHE A 165 2.78 14.84 -15.32
N LEU A 166 2.40 12.79 -15.63
N LEU A 166 2.09 13.81 -15.80
CA LEU A 166 2.48 11.56 -14.87
CA LEU A 166 1.89 12.55 -15.08
C LEU A 166 1.95 11.95 -13.51
C LEU A 166 1.06 12.79 -13.83
N ASP A 167 1.05 11.14 -12.94
N ASP A 167 1.19 11.90 -12.84
CA ASP A 167 0.46 11.48 -11.65
CA ASP A 167 0.46 12.06 -11.58
C ASP A 167 1.37 11.08 -10.51
C ASP A 167 1.23 11.32 -10.48
N GLU A 168 2.43 11.84 -10.26
CA GLU A 168 3.36 11.40 -9.22
C GLU A 168 3.72 12.54 -8.26
N SER B 3 -6.10 -14.75 9.28
CA SER B 3 -4.83 -15.43 9.09
C SER B 3 -3.84 -14.58 8.27
N LEU B 4 -4.28 -14.06 7.13
CA LEU B 4 -3.51 -13.06 6.37
C LEU B 4 -3.62 -11.70 7.04
N PRO B 5 -2.50 -10.98 7.20
CA PRO B 5 -2.60 -9.64 7.77
C PRO B 5 -3.67 -8.77 7.08
N THR B 6 -3.89 -9.00 5.78
CA THR B 6 -4.83 -8.20 5.01
C THR B 6 -6.29 -8.37 5.46
N ALA B 7 -6.53 -9.41 6.28
CA ALA B 7 -7.89 -9.71 6.72
C ALA B 7 -8.11 -9.25 8.15
N ASN B 8 -7.01 -9.00 8.85
CA ASN B 8 -7.08 -9.04 10.30
C ASN B 8 -7.53 -7.79 11.00
N LYS B 17 -7.08 -12.58 15.71
CA LYS B 17 -7.30 -11.14 15.90
C LYS B 17 -6.88 -10.67 17.30
N LYS B 18 -6.47 -9.42 17.40
CA LYS B 18 -6.22 -8.76 18.68
C LYS B 18 -6.68 -7.30 18.81
N PRO B 19 -6.47 -6.45 17.77
CA PRO B 19 -5.89 -6.60 16.42
C PRO B 19 -4.44 -7.06 16.41
N LYS B 20 -4.20 -8.16 15.72
CA LYS B 20 -2.91 -8.84 15.73
C LYS B 20 -1.79 -8.02 15.04
N TRP B 21 -2.08 -7.37 13.92
CA TRP B 21 -1.08 -6.63 13.17
C TRP B 21 -1.40 -5.13 13.20
N SER B 22 -0.35 -4.30 13.29
CA SER B 22 -0.54 -2.85 13.23
C SER B 22 -0.84 -2.44 11.78
N TRP B 23 -1.44 -1.26 11.61
CA TRP B 23 -1.81 -0.76 10.27
C TRP B 23 -0.61 -0.63 9.34
N ARG B 24 0.52 -0.10 9.84
CA ARG B 24 1.73 -0.01 9.01
C ARG B 24 2.21 -1.38 8.58
N ALA B 25 2.08 -2.35 9.47
CA ALA B 25 2.49 -3.71 9.17
C ALA B 25 1.61 -4.31 8.09
N ILE B 26 0.30 -4.10 8.21
CA ILE B 26 -0.67 -4.59 7.24
C ILE B 26 -0.43 -3.92 5.88
N LYS B 27 -0.19 -2.62 5.90
CA LYS B 27 0.11 -1.89 4.68
C LYS B 27 1.40 -2.38 4.05
N SER B 28 2.42 -2.66 4.86
CA SER B 28 3.69 -3.14 4.32
C SER B 28 3.48 -4.50 3.64
N PHE B 29 2.66 -5.34 4.27
CA PHE B 29 2.30 -6.64 3.70
C PHE B 29 1.58 -6.49 2.34
N ALA B 30 0.55 -5.66 2.31
CA ALA B 30 -0.16 -5.41 1.05
C ALA B 30 0.73 -4.77 -0.05
N MSE B 31 1.67 -3.92 0.33
CA MSE B 31 2.62 -3.33 -0.63
CA MSE B 31 2.57 -3.35 -0.67
C MSE B 31 3.62 -4.36 -1.10
O MSE B 31 4.16 -4.29 -2.23
CB MSE B 31 3.40 -2.17 0.01
CB MSE B 31 3.17 -2.03 -0.19
CG MSE B 31 2.57 -0.93 0.25
CG MSE B 31 2.18 -0.88 -0.40
SE MSE B 31 1.81 -0.28 -1.41
SE MSE B 31 2.58 0.77 0.56
CE MSE B 31 1.13 1.44 -0.83
CE MSE B 31 1.35 1.95 -0.41
N GLY B 32 3.89 -5.33 -0.22
CA GLY B 32 4.75 -6.46 -0.55
C GLY B 32 4.11 -7.35 -1.61
N GLU B 33 2.83 -7.70 -1.45
CA GLU B 33 2.11 -8.43 -2.51
C GLU B 33 2.20 -7.69 -3.85
N LEU B 34 2.12 -6.36 -3.79
CA LEU B 34 2.11 -5.55 -5.01
C LEU B 34 3.49 -5.56 -5.68
N GLU B 35 4.54 -5.51 -4.86
CA GLU B 35 5.88 -5.59 -5.42
C GLU B 35 6.10 -6.96 -6.07
N ALA B 36 5.58 -8.01 -5.46
CA ALA B 36 5.62 -9.34 -6.08
C ALA B 36 4.90 -9.34 -7.42
N ARG B 37 3.75 -8.66 -7.49
CA ARG B 37 3.02 -8.55 -8.75
C ARG B 37 3.83 -7.76 -9.78
N LYS B 38 4.47 -6.69 -9.31
CA LYS B 38 5.24 -5.84 -10.20
C LYS B 38 6.35 -6.66 -10.85
N LEU B 39 6.88 -7.63 -10.11
CA LEU B 39 7.98 -8.46 -10.58
C LEU B 39 7.50 -9.70 -11.35
N LYS B 40 6.17 -9.88 -11.41
CA LYS B 40 5.55 -11.08 -12.00
C LYS B 40 5.90 -12.38 -11.26
N TYR B 41 6.20 -12.27 -9.97
CA TYR B 41 6.41 -13.45 -9.14
C TYR B 41 5.07 -14.13 -8.78
N PRO B 42 5.06 -15.48 -8.68
CA PRO B 42 3.80 -16.18 -8.38
C PRO B 42 3.44 -16.15 -6.89
N ASN B 43 4.42 -15.85 -6.04
CA ASN B 43 4.23 -15.87 -4.60
C ASN B 43 4.79 -14.59 -3.96
N THR B 44 4.28 -14.27 -2.78
CA THR B 44 4.81 -13.19 -1.96
C THR B 44 5.82 -13.81 -1.02
N GLY B 45 7.10 -13.58 -1.30
CA GLY B 45 8.18 -14.19 -0.52
C GLY B 45 8.76 -13.22 0.48
N THR B 46 9.75 -13.66 1.25
CA THR B 46 10.40 -12.80 2.23
C THR B 46 11.01 -11.58 1.56
N GLU B 47 11.46 -11.70 0.32
CA GLU B 47 12.01 -10.54 -0.37
C GLU B 47 10.96 -9.44 -0.60
N ALA B 48 9.70 -9.86 -0.80
CA ALA B 48 8.63 -8.90 -1.07
C ALA B 48 8.14 -8.24 0.22
N LEU B 49 8.14 -8.99 1.31
CA LEU B 49 7.84 -8.41 2.62
C LEU B 49 8.84 -7.30 2.97
N LEU B 50 10.11 -7.55 2.70
CA LEU B 50 11.17 -6.57 2.91
C LEU B 50 10.92 -5.32 2.06
N MSE B 51 10.69 -5.54 0.77
CA MSE B 51 10.39 -4.43 -0.12
C MSE B 51 9.13 -3.72 0.31
O MSE B 51 9.07 -2.49 0.28
CB MSE B 51 10.31 -4.91 -1.59
CG MSE B 51 11.68 -5.25 -2.12
SE MSE B 51 11.72 -5.73 -4.01
CE MSE B 51 10.93 -7.48 -3.97
N GLY B 52 8.14 -4.48 0.76
CA GLY B 52 6.88 -3.90 1.21
C GLY B 52 7.08 -2.92 2.37
N ILE B 53 7.95 -3.28 3.31
CA ILE B 53 8.33 -2.34 4.40
C ILE B 53 8.94 -1.04 3.86
N LEU B 54 9.86 -1.17 2.90
CA LEU B 54 10.51 0.00 2.29
C LEU B 54 9.56 0.88 1.48
N ILE B 55 8.67 0.24 0.72
CA ILE B 55 7.70 0.96 -0.10
C ILE B 55 6.69 1.72 0.76
N GLU B 56 6.20 1.07 1.82
CA GLU B 56 5.27 1.74 2.72
C GLU B 56 5.95 3.00 3.23
N GLY B 57 7.21 2.85 3.64
CA GLY B 57 8.13 3.96 3.80
C GLY B 57 7.88 4.98 4.90
N THR B 58 6.95 4.73 5.82
CA THR B 58 6.75 5.69 6.91
C THR B 58 7.14 5.15 8.29
N SER B 59 7.46 3.86 8.39
CA SER B 59 7.81 3.27 9.68
C SER B 59 9.24 3.64 10.09
N PHE B 60 9.52 3.56 11.40
CA PHE B 60 10.90 3.68 11.88
C PHE B 60 11.78 2.67 11.18
N THR B 61 11.26 1.46 11.01
CA THR B 61 11.99 0.37 10.38
C THR B 61 12.41 0.72 8.96
N SER B 62 11.52 1.33 8.18
CA SER B 62 11.92 1.73 6.83
C SER B 62 13.05 2.74 6.91
N LYS B 63 12.97 3.66 7.85
CA LYS B 63 14.04 4.62 8.03
C LYS B 63 15.33 3.98 8.53
N PHE B 64 15.21 2.99 9.41
CA PHE B 64 16.37 2.26 9.93
C PHE B 64 17.09 1.54 8.77
N LEU B 65 16.34 0.86 7.90
CA LEU B 65 16.93 0.24 6.72
C LEU B 65 17.67 1.26 5.82
N ARG B 66 17.01 2.38 5.51
CA ARG B 66 17.66 3.38 4.67
C ARG B 66 18.88 4.03 5.33
N ALA B 67 18.83 4.27 6.63
CA ALA B 67 19.98 4.85 7.32
C ALA B 67 21.16 3.89 7.33
N ASN B 68 20.88 2.60 7.16
CA ASN B 68 21.91 1.61 6.98
C ASN B 68 22.16 1.19 5.53
N LYS B 69 21.76 2.06 4.60
CA LYS B 69 22.04 1.92 3.17
C LYS B 69 21.38 0.72 2.53
N ILE B 70 20.26 0.29 3.10
CA ILE B 70 19.46 -0.76 2.50
C ILE B 70 18.28 -0.08 1.80
N MSE B 71 18.51 0.27 0.54
CA MSE B 71 17.55 1.07 -0.24
C MSE B 71 16.68 0.17 -1.09
O MSE B 71 17.10 -0.92 -1.49
CB MSE B 71 18.34 2.02 -1.15
CG MSE B 71 19.60 2.57 -0.50
SE MSE B 71 19.15 3.72 1.03
CE MSE B 71 18.56 5.29 0.03
N LEU B 72 15.48 0.62 -1.41
CA LEU B 72 14.57 -0.20 -2.20
C LEU B 72 15.17 -0.57 -3.56
N TYR B 73 15.79 0.38 -4.23
CA TYR B 73 16.38 0.10 -5.54
C TYR B 73 17.47 -0.98 -5.46
N LYS B 74 18.20 -1.03 -4.35
CA LYS B 74 19.23 -2.07 -4.17
C LYS B 74 18.60 -3.42 -3.91
N VAL B 75 17.53 -3.43 -3.12
CA VAL B 75 16.88 -4.69 -2.78
C VAL B 75 16.26 -5.29 -4.05
N ARG B 76 15.70 -4.41 -4.88
CA ARG B 76 15.17 -4.82 -6.17
C ARG B 76 16.27 -5.40 -7.07
N GLU B 77 17.41 -4.70 -7.15
CA GLU B 77 18.58 -5.21 -7.87
C GLU B 77 18.96 -6.60 -7.39
N GLU B 78 19.12 -6.74 -6.07
CA GLU B 78 19.58 -8.01 -5.49
C GLU B 78 18.57 -9.13 -5.61
N THR B 79 17.28 -8.78 -5.58
CA THR B 79 16.21 -9.75 -5.77
C THR B 79 16.28 -10.35 -7.18
N VAL B 80 16.53 -9.49 -8.18
CA VAL B 80 16.67 -9.96 -9.56
C VAL B 80 17.93 -10.82 -9.74
N LYS B 81 19.05 -10.35 -9.19
CA LYS B 81 20.27 -11.16 -9.23
C LYS B 81 20.09 -12.53 -8.56
N LEU B 82 19.37 -12.59 -7.45
CA LEU B 82 19.25 -13.83 -6.68
C LEU B 82 18.19 -14.78 -7.24
N LEU B 83 17.00 -14.27 -7.48
CA LEU B 83 15.85 -15.10 -7.86
C LEU B 83 15.58 -15.08 -9.36
N GLY B 84 16.19 -14.13 -10.07
CA GLY B 84 16.04 -14.08 -11.51
C GLY B 84 14.79 -13.36 -11.99
N LYS B 85 14.81 -12.91 -13.24
CA LYS B 85 13.64 -12.28 -13.84
C LYS B 85 12.59 -13.36 -14.04
N ALA B 86 11.35 -13.10 -13.65
CA ALA B 86 10.33 -14.15 -13.74
C ALA B 86 9.73 -14.14 -15.15
N ASP B 87 9.57 -15.33 -15.73
CA ASP B 87 9.09 -15.41 -17.09
C ASP B 87 7.95 -16.42 -17.28
N MSE B 88 7.48 -16.96 -16.16
N MSE B 88 7.48 -16.99 -16.17
CA MSE B 88 6.46 -18.02 -16.19
CA MSE B 88 6.46 -18.03 -16.25
C MSE B 88 5.08 -17.49 -16.59
C MSE B 88 5.08 -17.47 -16.63
O MSE B 88 4.45 -18.01 -17.51
O MSE B 88 4.45 -17.94 -17.57
CB MSE B 88 6.39 -18.73 -14.83
CB MSE B 88 6.38 -18.81 -14.93
CG MSE B 88 5.52 -19.97 -14.82
CG MSE B 88 5.34 -19.93 -14.94
SE MSE B 88 6.15 -21.36 -16.03
SE MSE B 88 5.67 -21.32 -13.61
CE MSE B 88 8.03 -21.37 -15.52
CE MSE B 88 5.50 -20.30 -11.97
N TYR B 89 4.62 -16.46 -15.90
CA TYR B 89 3.28 -15.89 -16.15
C TYR B 89 3.32 -14.47 -16.69
N PHE B 90 2.34 -14.11 -17.51
CA PHE B 90 2.18 -12.72 -17.88
C PHE B 90 1.79 -11.87 -16.66
N PHE B 91 0.96 -12.44 -15.78
CA PHE B 91 0.50 -11.70 -14.60
C PHE B 91 0.52 -12.54 -13.35
N SER B 92 0.96 -11.95 -12.25
CA SER B 92 0.88 -12.58 -10.93
C SER B 92 -0.57 -12.59 -10.47
N PRO B 93 -0.93 -13.48 -9.54
CA PRO B 93 -2.26 -13.33 -8.94
C PRO B 93 -2.40 -11.95 -8.26
N GLU B 94 -3.62 -11.52 -8.00
CA GLU B 94 -3.85 -10.27 -7.31
C GLU B 94 -3.30 -10.28 -5.89
N HIS B 95 -3.26 -11.45 -5.28
CA HIS B 95 -2.66 -11.63 -3.96
C HIS B 95 -1.80 -12.89 -4.01
N PRO B 96 -0.56 -12.75 -4.54
CA PRO B 96 0.34 -13.92 -4.64
C PRO B 96 0.50 -14.58 -3.26
N PRO B 97 0.18 -15.87 -3.18
CA PRO B 97 0.21 -16.55 -1.87
C PRO B 97 1.59 -16.51 -1.24
N LEU B 98 1.61 -16.45 0.09
CA LEU B 98 2.87 -16.40 0.83
C LEU B 98 3.70 -17.67 0.59
N THR B 99 5.02 -17.52 0.48
CA THR B 99 5.89 -18.69 0.51
C THR B 99 5.95 -19.21 1.95
N GLU B 100 6.36 -20.46 2.11
CA GLU B 100 6.64 -21.00 3.45
C GLU B 100 7.55 -20.14 4.31
N ASP B 101 8.66 -19.66 3.74
CA ASP B 101 9.55 -18.89 4.58
C ASP B 101 9.01 -17.51 4.94
N ALA B 102 8.13 -16.97 4.11
CA ALA B 102 7.45 -15.73 4.46
C ALA B 102 6.45 -16.00 5.59
N GLN B 103 5.78 -17.15 5.53
CA GLN B 103 4.95 -17.59 6.65
C GLN B 103 5.77 -17.74 7.94
N ARG B 104 6.90 -18.44 7.86
CA ARG B 104 7.76 -18.61 9.01
C ARG B 104 8.28 -17.28 9.51
N ALA B 105 8.61 -16.39 8.60
CA ALA B 105 9.06 -15.05 9.02
C ALA B 105 7.96 -14.28 9.79
N LEU B 106 6.71 -14.38 9.33
CA LEU B 106 5.60 -13.73 10.02
C LEU B 106 5.35 -14.37 11.38
N ASP B 107 5.49 -15.70 11.46
CA ASP B 107 5.44 -16.39 12.74
C ASP B 107 6.51 -15.85 13.73
N SER B 108 7.73 -15.68 13.24
CA SER B 108 8.82 -15.14 14.09
C SER B 108 8.55 -13.70 14.51
N ALA B 109 7.93 -12.93 13.61
CA ALA B 109 7.53 -11.56 13.92
C ALA B 109 6.60 -11.52 15.13
N LEU B 110 5.66 -12.46 15.17
CA LEU B 110 4.74 -12.60 16.29
C LEU B 110 5.53 -12.84 17.58
N ASP B 111 6.46 -13.78 17.52
CA ASP B 111 7.30 -14.13 18.67
C ASP B 111 8.19 -12.96 19.08
N GLN B 112 8.79 -12.28 18.12
CA GLN B 112 9.57 -11.08 18.43
C GLN B 112 8.72 -10.08 19.21
N ASN B 113 7.51 -9.83 18.71
CA ASN B 113 6.55 -8.93 19.37
C ASN B 113 6.26 -9.34 20.81
N LEU B 114 5.85 -10.60 20.99
CA LEU B 114 5.48 -11.14 22.29
C LEU B 114 6.62 -11.05 23.29
N LYS B 115 7.82 -11.37 22.84
CA LYS B 115 8.99 -11.39 23.71
C LYS B 115 9.32 -10.02 24.27
N ALA B 116 8.90 -8.97 23.55
CA ALA B 116 9.19 -7.61 23.99
C ALA B 116 8.01 -7.01 24.75
N GLY B 117 7.24 -7.87 25.42
CA GLY B 117 6.10 -7.41 26.19
C GLY B 117 4.96 -6.92 25.34
N GLY B 118 4.98 -7.27 24.06
CA GLY B 118 3.93 -6.86 23.14
C GLY B 118 2.71 -7.75 23.21
N ILE B 119 1.55 -7.17 22.91
CA ILE B 119 0.32 -7.94 22.76
C ILE B 119 -0.34 -7.54 21.45
N GLY B 120 -0.05 -8.29 20.39
CA GLY B 120 -0.52 -7.91 19.07
C GLY B 120 0.09 -6.58 18.65
N GLU B 121 -0.54 -5.90 17.69
CA GLU B 121 0.04 -4.73 17.04
C GLU B 121 1.46 -5.08 16.67
N VAL B 122 1.60 -6.18 15.94
CA VAL B 122 2.90 -6.54 15.38
C VAL B 122 3.27 -5.45 14.39
N MSE B 123 4.55 -5.06 14.41
CA MSE B 123 5.08 -3.92 13.69
CA MSE B 123 5.00 -3.93 13.61
C MSE B 123 5.99 -4.36 12.54
O MSE B 123 6.45 -5.50 12.54
CB MSE B 123 5.93 -3.15 14.69
CB MSE B 123 5.64 -2.92 14.54
CG MSE B 123 5.74 -1.69 14.68
CG MSE B 123 5.06 -2.99 15.92
SE MSE B 123 4.00 -1.00 15.16
SE MSE B 123 5.25 -1.35 16.88
CE MSE B 123 3.77 0.19 13.62
CE MSE B 123 3.89 -0.36 15.90
N PRO B 124 6.27 -3.45 11.57
CA PRO B 124 7.30 -3.74 10.56
C PRO B 124 8.64 -4.15 11.16
N ALA B 125 9.03 -3.57 12.30
CA ALA B 125 10.28 -4.00 12.95
C ALA B 125 10.29 -5.50 13.22
N HIS B 126 9.18 -6.01 13.74
CA HIS B 126 9.09 -7.43 14.04
C HIS B 126 9.11 -8.28 12.77
N ILE B 127 8.44 -7.80 11.72
CA ILE B 127 8.50 -8.47 10.43
C ILE B 127 9.93 -8.51 9.92
N LEU B 128 10.61 -7.36 9.94
CA LEU B 128 12.02 -7.35 9.49
C LEU B 128 12.90 -8.30 10.30
N LEU B 129 12.74 -8.28 11.61
CA LEU B 129 13.47 -9.23 12.45
C LEU B 129 13.12 -10.69 12.14
N GLY B 130 11.88 -10.96 11.76
CA GLY B 130 11.48 -12.34 11.43
C GLY B 130 12.08 -12.80 10.11
N ILE B 131 12.18 -11.89 9.16
CA ILE B 131 12.85 -12.17 7.89
C ILE B 131 14.33 -12.51 8.17
N TRP B 132 15.00 -11.66 8.95
CA TRP B 132 16.39 -11.91 9.29
C TRP B 132 16.57 -13.26 10.00
N SER B 133 15.61 -13.66 10.83
CA SER B 133 15.74 -14.89 11.58
C SER B 133 15.57 -16.14 10.70
N GLU B 134 15.00 -15.96 9.53
CA GLU B 134 14.88 -17.06 8.55
C GLU B 134 16.13 -17.08 7.69
N VAL B 135 17.14 -17.78 8.19
CA VAL B 135 18.51 -17.66 7.67
C VAL B 135 18.64 -18.04 6.20
N GLU B 136 17.90 -19.04 5.74
CA GLU B 136 18.00 -19.45 4.35
C GLU B 136 17.09 -18.68 3.37
N SER B 137 16.22 -17.81 3.87
CA SER B 137 15.26 -17.12 2.99
C SER B 137 15.98 -16.11 2.12
N PRO B 138 15.46 -15.86 0.90
CA PRO B 138 15.98 -14.82 0.01
C PRO B 138 16.08 -13.45 0.67
N GLY B 139 15.09 -13.12 1.51
CA GLY B 139 15.10 -11.88 2.26
C GLY B 139 16.31 -11.74 3.17
N HIS B 140 16.65 -12.78 3.92
CA HIS B 140 17.83 -12.74 4.77
C HIS B 140 19.07 -12.61 3.90
N LYS B 141 19.13 -13.40 2.83
CA LYS B 141 20.30 -13.39 1.97
C LYS B 141 20.57 -12.01 1.36
N ILE B 142 19.51 -11.37 0.88
CA ILE B 142 19.59 -10.02 0.31
C ILE B 142 20.04 -8.99 1.35
N LEU B 143 19.44 -9.06 2.54
CA LEU B 143 19.86 -8.19 3.63
C LEU B 143 21.35 -8.34 3.90
N ALA B 144 21.81 -9.58 4.00
CA ALA B 144 23.23 -9.87 4.25
C ALA B 144 24.14 -9.32 3.15
N THR B 145 23.70 -9.47 1.90
CA THR B 145 24.48 -8.96 0.78
C THR B 145 24.63 -7.45 0.89
N LEU B 146 23.56 -6.80 1.34
CA LEU B 146 23.53 -5.35 1.49
C LEU B 146 24.04 -4.88 2.85
N GLY B 147 24.74 -5.76 3.56
CA GLY B 147 25.46 -5.34 4.76
C GLY B 147 24.75 -5.50 6.09
N PHE B 148 23.57 -6.13 6.10
CA PHE B 148 22.87 -6.40 7.36
C PHE B 148 23.61 -7.52 8.10
N THR B 149 23.58 -7.47 9.43
CA THR B 149 24.29 -8.43 10.26
C THR B 149 23.50 -8.72 11.52
N ASP B 150 23.96 -9.69 12.30
CA ASP B 150 23.37 -9.97 13.60
C ASP B 150 23.52 -8.75 14.49
N GLU B 151 24.60 -8.01 14.29
CA GLU B 151 24.85 -6.76 15.00
C GLU B 151 23.72 -5.72 14.76
N LYS B 152 23.30 -5.59 13.52
CA LYS B 152 22.21 -4.68 13.20
C LYS B 152 20.83 -5.17 13.64
N SER B 153 20.63 -6.48 13.64
CA SER B 153 19.34 -6.99 14.15
C SER B 153 19.19 -6.75 15.65
N LYS B 154 20.28 -6.87 16.41
CA LYS B 154 20.23 -6.61 17.85
C LYS B 154 19.95 -5.13 18.11
N GLU B 155 20.57 -4.28 17.30
CA GLU B 155 20.30 -2.84 17.35
C GLU B 155 18.83 -2.56 17.10
N LEU B 156 18.27 -3.16 16.06
CA LEU B 156 16.84 -2.97 15.76
C LEU B 156 15.96 -3.52 16.90
N GLU B 157 16.36 -4.65 17.50
CA GLU B 157 15.63 -5.21 18.64
C GLU B 157 15.60 -4.26 19.83
N SER B 158 16.75 -3.66 20.12
CA SER B 158 16.83 -2.67 21.19
C SER B 158 15.86 -1.51 20.94
N PHE B 159 15.82 -0.99 19.71
CA PHE B 159 14.90 0.10 19.41
C PHE B 159 13.46 -0.33 19.66
N ALA B 160 13.12 -1.51 19.16
CA ALA B 160 11.76 -1.98 19.18
C ALA B 160 11.28 -2.33 20.59
N SER B 161 12.21 -2.69 21.46
CA SER B 161 11.86 -3.11 22.81
C SER B 161 11.71 -1.93 23.76
N GLU B 162 11.97 -0.73 23.25
CA GLU B 162 11.80 0.48 24.03
C GLU B 162 10.33 0.65 24.37
N SER B 163 10.03 0.89 25.64
N SER B 163 10.03 0.89 25.64
CA SER B 163 8.67 0.95 26.17
CA SER B 163 8.65 1.02 26.11
C SER B 163 7.60 1.54 25.25
C SER B 163 7.88 2.14 25.41
N GLY B 164 7.76 2.80 24.86
N GLY B 164 6.70 1.80 24.91
CA GLY B 164 6.74 3.47 24.06
CA GLY B 164 5.79 2.77 24.32
C GLY B 164 6.86 3.36 22.55
C GLY B 164 6.21 3.28 22.96
N PHE B 165 7.62 2.37 22.07
N PHE B 165 6.75 2.40 22.12
CA PHE B 165 7.86 2.19 20.63
CA PHE B 165 7.11 2.82 20.76
C PHE B 165 6.61 2.00 19.76
C PHE B 165 6.23 2.23 19.69
N LEU B 166 6.51 2.78 18.67
N LEU B 166 6.10 2.97 18.59
CA LEU B 166 5.37 2.73 17.76
CA LEU B 166 5.13 2.64 17.56
C LEU B 166 5.75 2.62 16.28
C LEU B 166 5.71 2.54 16.16
N ASP B 167 7.03 2.49 16.03
CA ASP B 167 7.62 2.35 14.68
C ASP B 167 7.06 3.32 13.64
N GLU B 168 7.27 4.61 13.85
CA GLU B 168 6.78 5.62 12.94
C GLU B 168 7.85 6.69 12.76
S SO4 C . -3.92 12.03 6.53
O1 SO4 C . -4.47 12.51 5.24
O2 SO4 C . -3.15 13.09 7.18
O3 SO4 C . -3.05 10.89 6.26
O4 SO4 C . -5.01 11.63 7.42
S SO4 D . 15.03 4.03 -2.26
O1 SO4 D . 15.21 3.33 -0.98
O2 SO4 D . 15.79 5.28 -2.24
O3 SO4 D . 13.61 4.32 -2.43
O4 SO4 D . 15.49 3.21 -3.38
CL CL E . -2.32 5.14 5.43
#